data_5NE1
#
_entry.id   5NE1
#
_cell.length_a   70.380
_cell.length_b   85.690
_cell.length_c   113.180
_cell.angle_alpha   90.00
_cell.angle_beta   90.00
_cell.angle_gamma   90.00
#
_symmetry.space_group_name_H-M   'P 21 21 21'
#
loop_
_entity.id
_entity.type
_entity.pdbx_description
1 polymer Beta-lactamase
2 non-polymer 'TRIETHYLENE GLYCOL'
3 non-polymer '(4~{R})-4-[[4-(aminomethyl)phenyl]carbonylamino]-3,3-bis(oxidanyl)-2-oxa-3-boranuidabicyclo[4.4.0]deca-1(10),6,8-triene-10-carboxylic acid'
4 water water
#
_entity_poly.entity_id   1
_entity_poly.type   'polypeptide(L)'
_entity_poly.pdbx_seq_one_letter_code
;GPAGKATANAPTDAAITAASDFAALEKACAGRLGVTLLDTASGRRIGHRQDERFPMCSTFKSMLAATVLSQAERMPALLD
RRVPVGEADLLSHAPVTRRHAGKDMTVRDLCRATIITSDNTAANLLFGVVGGPPAVTAFLRASGDTVSRSDRLEPELNSF
AKGDPRDTTTPAAMAATLQRVVLGEVLQPASRQQLADWLIDNETGDACLRAGLGKRWRVGDKTGSNGEDARNDIAVLWPV
AGGAPWVLTAYLQAGAISYEQRASVLAQVGRIADRLIG
;
_entity_poly.pdbx_strand_id   A,B
#
loop_
_chem_comp.id
_chem_comp.type
_chem_comp.name
_chem_comp.formula
OK3 non-polymer '(4~{R})-4-[[4-(aminomethyl)phenyl]carbonylamino]-3,3-bis(oxidanyl)-2-oxa-3-boranuidabicyclo[4.4.0]deca-1(10),6,8-triene-10-carboxylic acid' 'C17 H18 B N2 O6 -1'
PGE non-polymer 'TRIETHYLENE GLYCOL' 'C6 H14 O4'
#
# COMPACT_ATOMS: atom_id res chain seq x y z
N ASN A 9 25.57 23.79 -7.64
CA ASN A 9 25.44 22.34 -7.54
C ASN A 9 25.78 21.60 -8.83
N ALA A 10 25.83 22.33 -9.94
CA ALA A 10 26.08 21.72 -11.24
C ALA A 10 27.40 20.91 -11.29
N PRO A 11 28.53 21.50 -10.84
CA PRO A 11 29.77 20.70 -10.93
C PRO A 11 29.71 19.36 -10.19
N THR A 12 29.18 19.35 -8.96
CA THR A 12 29.02 18.11 -8.22
C THR A 12 28.07 17.14 -8.96
N ASP A 13 26.98 17.68 -9.51
CA ASP A 13 26.04 16.85 -10.24
C ASP A 13 26.73 16.20 -11.46
N ALA A 14 27.55 16.98 -12.16
CA ALA A 14 28.25 16.49 -13.35
C ALA A 14 29.32 15.44 -13.00
N ALA A 15 30.04 15.68 -11.91
CA ALA A 15 31.09 14.76 -11.48
C ALA A 15 30.46 13.41 -11.08
N ILE A 16 29.27 13.45 -10.47
CA ILE A 16 28.57 12.22 -10.10
C ILE A 16 28.13 11.40 -11.32
N THR A 17 27.62 12.08 -12.35
CA THR A 17 27.12 11.38 -13.53
C THR A 17 28.23 10.82 -14.40
N ALA A 18 29.40 11.44 -14.35
CA ALA A 18 30.54 11.00 -15.15
C ALA A 18 31.34 9.83 -14.54
N ALA A 19 31.09 9.53 -13.25
CA ALA A 19 31.82 8.44 -12.55
C ALA A 19 31.49 7.06 -13.09
N SER A 20 32.49 6.26 -13.40
CA SER A 20 32.20 4.96 -13.99
C SER A 20 32.74 3.77 -13.18
N ASP A 21 33.25 4.04 -11.99
CA ASP A 21 33.52 2.97 -11.03
C ASP A 21 33.24 3.49 -9.62
N PHE A 22 33.12 2.58 -8.65
CA PHE A 22 32.61 2.96 -7.33
C PHE A 22 33.58 3.91 -6.61
N ALA A 23 34.87 3.73 -6.81
CA ALA A 23 35.87 4.59 -6.15
C ALA A 23 35.79 6.02 -6.68
N ALA A 24 35.65 6.16 -7.99
CA ALA A 24 35.46 7.47 -8.61
C ALA A 24 34.17 8.14 -8.11
N LEU A 25 33.12 7.34 -7.92
CA LEU A 25 31.82 7.86 -7.45
C LEU A 25 31.93 8.38 -6.03
N GLU A 26 32.71 7.68 -5.20
CA GLU A 26 32.92 8.08 -3.82
C GLU A 26 33.60 9.45 -3.82
N LYS A 27 34.59 9.56 -4.69
CA LYS A 27 35.36 10.78 -4.76
C LYS A 27 34.47 11.97 -5.24
N ALA A 28 33.57 11.74 -6.18
CA ALA A 28 32.78 12.84 -6.73
C ALA A 28 31.82 13.48 -5.70
N CYS A 29 31.41 12.73 -4.68
CA CYS A 29 30.55 13.32 -3.65
C CYS A 29 31.29 13.55 -2.33
N ALA A 30 32.61 13.34 -2.36
CA ALA A 30 33.46 13.46 -1.18
C ALA A 30 32.91 12.71 0.03
N GLY A 31 32.41 11.49 -0.19
CA GLY A 31 31.77 10.72 0.87
C GLY A 31 32.52 9.46 1.27
N ARG A 32 31.83 8.60 2.02
CA ARG A 32 32.28 7.24 2.28
C ARG A 32 31.20 6.32 1.74
N LEU A 33 31.54 5.47 0.78
CA LEU A 33 30.57 4.63 0.08
C LEU A 33 30.89 3.15 0.23
N GLY A 34 29.90 2.36 0.65
CA GLY A 34 30.06 0.92 0.79
C GLY A 34 29.12 0.17 -0.14
N VAL A 35 29.68 -0.67 -1.01
CA VAL A 35 28.88 -1.40 -2.01
C VAL A 35 29.31 -2.86 -2.15
N THR A 36 28.32 -3.77 -2.24
CA THR A 36 28.58 -5.14 -2.68
C THR A 36 27.60 -5.54 -3.80
N LEU A 37 28.14 -6.01 -4.92
CA LEU A 37 27.33 -6.65 -5.96
C LEU A 37 27.59 -8.15 -5.91
N LEU A 38 26.54 -8.94 -5.68
CA LEU A 38 26.68 -10.39 -5.48
C LEU A 38 25.90 -11.21 -6.54
N ASP A 39 26.63 -12.08 -7.23
CA ASP A 39 26.08 -13.09 -8.13
C ASP A 39 25.70 -14.36 -7.34
N THR A 40 24.40 -14.67 -7.24
CA THR A 40 23.98 -15.76 -6.36
C THR A 40 24.24 -17.15 -6.93
N ALA A 41 24.58 -17.22 -8.22
CA ALA A 41 24.88 -18.52 -8.82
C ALA A 41 26.28 -18.98 -8.43
N SER A 42 27.21 -18.03 -8.37
CA SER A 42 28.62 -18.34 -8.18
C SER A 42 29.19 -17.87 -6.84
N GLY A 43 28.55 -16.89 -6.22
CA GLY A 43 29.07 -16.27 -5.00
C GLY A 43 30.13 -15.21 -5.21
N ARG A 44 30.43 -14.87 -6.45
CA ARG A 44 31.38 -13.83 -6.74
C ARG A 44 30.87 -12.44 -6.32
N ARG A 45 31.73 -11.65 -5.69
CA ARG A 45 31.38 -10.29 -5.28
C ARG A 45 32.33 -9.26 -5.85
N ILE A 46 31.84 -8.07 -6.14
CA ILE A 46 32.66 -6.96 -6.57
C ILE A 46 32.17 -5.67 -5.89
N GLY A 47 32.89 -4.74 -5.47
CA GLY A 47 32.43 -3.53 -4.80
C GLY A 47 33.47 -2.60 -4.21
N HIS A 48 33.13 -2.03 -3.05
CA HIS A 48 33.90 -0.95 -2.44
C HIS A 48 33.66 -0.91 -0.93
N ARG A 49 34.73 -0.96 -0.13
CA ARG A 49 34.64 -0.95 1.33
C ARG A 49 33.65 -2.01 1.81
N GLN A 50 33.74 -3.20 1.22
CA GLN A 50 32.76 -4.26 1.42
C GLN A 50 32.68 -4.76 2.85
N ASP A 51 33.76 -4.60 3.62
CA ASP A 51 33.83 -5.09 5.00
C ASP A 51 33.92 -3.99 6.07
N GLU A 52 33.63 -2.74 5.72
CA GLU A 52 33.53 -1.67 6.72
C GLU A 52 32.11 -1.53 7.23
N ARG A 53 31.95 -1.09 8.49
CA ARG A 53 30.60 -0.93 9.07
C ARG A 53 29.95 0.40 8.68
N PHE A 54 28.65 0.31 8.37
CA PHE A 54 27.80 1.47 8.09
C PHE A 54 26.53 1.39 8.95
N PRO A 55 25.94 2.56 9.28
CA PRO A 55 24.68 2.49 10.03
C PRO A 55 23.54 1.98 9.15
N MET A 56 22.75 1.04 9.67
CA MET A 56 21.70 0.40 8.88
C MET A 56 20.53 1.34 8.56
N CYS A 57 20.23 2.23 9.51
CA CYS A 57 19.00 3.03 9.52
C CYS A 57 17.83 2.08 9.19
N SER A 58 16.89 2.50 8.35
CA SER A 58 15.70 1.67 8.12
C SER A 58 15.91 0.39 7.29
N THR A 59 17.11 0.15 6.77
CA THR A 59 17.31 -1.09 6.02
C THR A 59 17.13 -2.31 6.94
N PHE A 60 17.25 -2.12 8.25
CA PHE A 60 17.06 -3.24 9.20
C PHE A 60 15.62 -3.77 9.18
N LYS A 61 14.67 -2.96 8.72
CA LYS A 61 13.26 -3.32 8.83
C LYS A 61 12.90 -4.57 8.00
N SER A 62 13.68 -4.82 6.96
CA SER A 62 13.55 -6.05 6.17
C SER A 62 13.73 -7.32 7.03
N MET A 63 14.72 -7.29 7.94
CA MET A 63 15.00 -8.42 8.82
C MET A 63 14.12 -8.42 10.09
N LEU A 64 13.55 -7.28 10.46
CA LEU A 64 12.57 -7.26 11.55
C LEU A 64 11.35 -8.05 11.09
N ALA A 65 10.90 -7.74 9.88
CA ALA A 65 9.81 -8.46 9.23
C ALA A 65 10.10 -9.96 9.12
N ALA A 66 11.34 -10.30 8.75
CA ALA A 66 11.73 -11.71 8.65
C ALA A 66 11.69 -12.41 10.01
N THR A 67 12.09 -11.70 11.05
CA THR A 67 12.01 -12.24 12.41
C THR A 67 10.56 -12.61 12.77
N VAL A 68 9.63 -11.72 12.44
CA VAL A 68 8.21 -11.95 12.69
C VAL A 68 7.71 -13.20 11.95
N LEU A 69 7.98 -13.27 10.64
CA LEU A 69 7.57 -14.42 9.83
C LEU A 69 8.18 -15.74 10.35
N SER A 70 9.42 -15.68 10.81
CA SER A 70 10.05 -16.87 11.35
C SER A 70 9.34 -17.31 12.66
N GLN A 71 8.97 -16.35 13.50
CA GLN A 71 8.23 -16.68 14.73
C GLN A 71 6.82 -17.20 14.42
N ALA A 72 6.22 -16.74 13.33
CA ALA A 72 4.88 -17.20 12.94
C ALA A 72 4.87 -18.67 12.53
N GLU A 73 6.01 -19.17 12.06
CA GLU A 73 6.09 -20.54 11.59
C GLU A 73 5.94 -21.53 12.74
N ARG A 74 6.13 -21.06 13.96
CA ARG A 74 6.01 -21.93 15.13
C ARG A 74 4.98 -21.40 16.12
N MET A 75 4.30 -20.31 15.76
CA MET A 75 3.14 -19.83 16.50
C MET A 75 1.98 -19.54 15.54
N PRO A 76 1.09 -20.52 15.36
CA PRO A 76 0.02 -20.39 14.35
C PRO A 76 -0.82 -19.13 14.57
N ALA A 77 -1.15 -18.46 13.47
CA ALA A 77 -2.08 -17.33 13.46
C ALA A 77 -1.53 -16.05 14.12
N LEU A 78 -0.25 -16.05 14.49
CA LEU A 78 0.41 -14.83 14.92
C LEU A 78 0.21 -13.66 13.94
N LEU A 79 0.23 -13.96 12.64
CA LEU A 79 0.10 -12.91 11.61
C LEU A 79 -1.31 -12.31 11.61
N ASP A 80 -2.28 -13.06 12.12
CA ASP A 80 -3.66 -12.58 12.23
C ASP A 80 -3.96 -11.88 13.58
N ARG A 81 -3.03 -11.90 14.51
CA ARG A 81 -3.19 -11.23 15.80
C ARG A 81 -3.32 -9.72 15.67
N ARG A 82 -4.16 -9.10 16.47
CA ARG A 82 -4.34 -7.65 16.39
C ARG A 82 -3.63 -6.90 17.52
N VAL A 83 -2.93 -5.83 17.15
CA VAL A 83 -2.13 -5.03 18.08
C VAL A 83 -2.67 -3.61 18.18
N PRO A 84 -2.96 -3.13 19.41
CA PRO A 84 -3.46 -1.76 19.54
C PRO A 84 -2.43 -0.72 19.09
N VAL A 85 -2.92 0.32 18.43
CA VAL A 85 -2.15 1.53 18.12
C VAL A 85 -2.62 2.67 19.00
N GLY A 86 -1.81 3.05 19.97
CA GLY A 86 -2.19 4.13 20.87
C GLY A 86 -1.54 5.45 20.53
N GLU A 87 -2.18 6.54 20.94
CA GLU A 87 -1.67 7.89 20.78
C GLU A 87 -0.21 8.03 21.22
N ALA A 88 0.13 7.36 22.32
CA ALA A 88 1.48 7.41 22.86
C ALA A 88 2.51 6.64 22.03
N ASP A 89 2.06 5.85 21.06
CA ASP A 89 2.97 5.10 20.19
C ASP A 89 3.40 5.91 18.96
N LEU A 90 2.62 6.94 18.63
CA LEU A 90 2.82 7.67 17.39
C LEU A 90 4.10 8.49 17.39
N LEU A 91 4.79 8.48 16.24
CA LEU A 91 6.00 9.26 16.00
C LEU A 91 5.77 10.21 14.80
N SER A 92 6.71 11.12 14.55
CA SER A 92 6.59 12.03 13.39
C SER A 92 6.38 11.28 12.08
N HIS A 93 7.16 10.20 11.84
CA HIS A 93 6.97 9.41 10.63
C HIS A 93 6.11 8.17 10.87
N ALA A 94 4.82 8.28 10.59
CA ALA A 94 3.91 7.17 10.77
C ALA A 94 2.77 7.18 9.73
N PRO A 95 3.12 7.02 8.44
CA PRO A 95 2.16 7.22 7.33
C PRO A 95 0.94 6.31 7.36
N VAL A 96 1.13 5.04 7.75
CA VAL A 96 0.01 4.10 7.82
C VAL A 96 -0.66 4.05 9.21
N THR A 97 0.14 3.81 10.25
CA THR A 97 -0.39 3.68 11.62
C THR A 97 -1.20 4.90 12.11
N ARG A 98 -0.90 6.09 11.58
CA ARG A 98 -1.61 7.31 12.01
C ARG A 98 -3.12 7.22 11.78
N ARG A 99 -3.54 6.45 10.78
CA ARG A 99 -4.96 6.32 10.48
C ARG A 99 -5.68 5.42 11.46
N HIS A 100 -4.91 4.69 12.26
CA HIS A 100 -5.48 3.63 13.10
C HIS A 100 -5.30 3.89 14.60
N ALA A 101 -4.96 5.12 14.97
CA ALA A 101 -4.78 5.46 16.38
C ALA A 101 -6.10 5.37 17.14
N GLY A 102 -6.12 4.62 18.23
CA GLY A 102 -7.34 4.41 18.98
C GLY A 102 -8.06 3.12 18.61
N LYS A 103 -7.54 2.38 17.64
CA LYS A 103 -8.04 1.04 17.30
C LYS A 103 -6.85 0.09 17.11
N ASP A 104 -6.98 -0.98 16.31
CA ASP A 104 -5.84 -1.89 16.13
C ASP A 104 -5.56 -2.33 14.68
N MET A 105 -4.44 -3.02 14.48
CA MET A 105 -4.03 -3.57 13.18
C MET A 105 -3.48 -5.00 13.30
N THR A 106 -3.67 -5.82 12.27
CA THR A 106 -3.06 -7.17 12.26
C THR A 106 -1.53 -7.04 12.23
N VAL A 107 -0.86 -8.01 12.82
CA VAL A 107 0.60 -8.13 12.75
C VAL A 107 1.10 -8.12 11.29
N ARG A 108 0.44 -8.87 10.41
CA ARG A 108 0.77 -8.91 8.97
C ARG A 108 0.76 -7.50 8.32
N ASP A 109 -0.32 -6.74 8.55
CA ASP A 109 -0.42 -5.39 7.98
C ASP A 109 0.63 -4.42 8.55
N LEU A 110 1.03 -4.60 9.80
CA LEU A 110 2.14 -3.81 10.37
C LEU A 110 3.47 -4.09 9.64
N CYS A 111 3.73 -5.36 9.33
CA CYS A 111 4.91 -5.76 8.55
C CYS A 111 4.95 -5.07 7.17
N ARG A 112 3.83 -5.16 6.44
CA ARG A 112 3.73 -4.49 5.14
C ARG A 112 4.02 -2.99 5.27
N ALA A 113 3.40 -2.34 6.24
CA ALA A 113 3.55 -0.89 6.42
C ALA A 113 5.01 -0.48 6.72
N THR A 114 5.70 -1.27 7.54
CA THR A 114 7.06 -0.88 7.91
C THR A 114 8.06 -1.08 6.74
N ILE A 115 7.82 -2.08 5.89
CA ILE A 115 8.67 -2.26 4.70
C ILE A 115 8.41 -1.18 3.62
N ILE A 116 7.18 -1.13 3.08
CA ILE A 116 6.91 -0.32 1.89
C ILE A 116 6.79 1.19 2.15
N THR A 117 6.50 1.61 3.38
CA THR A 117 6.50 3.06 3.71
C THR A 117 7.55 3.48 4.75
N SER A 118 8.22 2.50 5.37
CA SER A 118 9.21 2.75 6.44
C SER A 118 8.59 3.33 7.75
N ASP A 119 7.29 3.10 7.97
CA ASP A 119 6.53 3.53 9.17
C ASP A 119 7.32 3.19 10.47
N ASN A 120 7.73 4.23 11.22
CA ASN A 120 8.52 4.05 12.47
C ASN A 120 7.71 3.51 13.64
N THR A 121 6.43 3.88 13.71
CA THR A 121 5.56 3.38 14.78
C THR A 121 5.22 1.90 14.57
N ALA A 122 4.94 1.51 13.33
CA ALA A 122 4.79 0.10 12.96
C ALA A 122 5.99 -0.72 13.43
N ALA A 123 7.19 -0.21 13.21
CA ALA A 123 8.40 -0.94 13.57
C ALA A 123 8.49 -1.14 15.09
N ASN A 124 8.15 -0.11 15.87
CA ASN A 124 8.26 -0.23 17.31
C ASN A 124 7.21 -1.19 17.90
N LEU A 125 6.02 -1.20 17.31
CA LEU A 125 4.99 -2.15 17.71
C LEU A 125 5.40 -3.61 17.44
N LEU A 126 6.07 -3.86 16.30
CA LEU A 126 6.60 -5.20 15.94
C LEU A 126 7.77 -5.66 16.85
N PHE A 127 8.65 -4.73 17.22
CA PHE A 127 9.68 -4.98 18.24
C PHE A 127 9.05 -5.53 19.52
N GLY A 128 7.96 -4.91 19.97
CA GLY A 128 7.25 -5.42 21.13
C GLY A 128 6.69 -6.82 20.97
N VAL A 129 6.23 -7.17 19.77
CA VAL A 129 5.68 -8.49 19.51
C VAL A 129 6.75 -9.59 19.59
N VAL A 130 7.91 -9.37 18.97
CA VAL A 130 8.94 -10.41 18.87
C VAL A 130 9.92 -10.46 20.05
N GLY A 131 10.01 -9.37 20.82
CA GLY A 131 10.96 -9.32 21.92
C GLY A 131 12.15 -8.38 21.75
N GLY A 132 11.97 -7.33 20.95
CA GLY A 132 12.94 -6.24 20.88
C GLY A 132 14.16 -6.55 20.04
N PRO A 133 15.09 -5.57 19.94
CA PRO A 133 16.36 -5.73 19.22
C PRO A 133 17.14 -7.03 19.51
N PRO A 134 17.18 -7.53 20.77
CA PRO A 134 17.86 -8.82 20.97
C PRO A 134 17.21 -9.98 20.22
N ALA A 135 15.89 -9.95 20.06
CA ALA A 135 15.20 -10.97 19.28
C ALA A 135 15.61 -10.93 17.79
N VAL A 136 15.75 -9.73 17.23
CA VAL A 136 16.14 -9.60 15.82
C VAL A 136 17.59 -10.03 15.65
N THR A 137 18.46 -9.61 16.57
CA THR A 137 19.86 -10.03 16.51
C THR A 137 19.99 -11.56 16.59
N ALA A 138 19.16 -12.19 17.41
CA ALA A 138 19.19 -13.65 17.57
C ALA A 138 18.72 -14.37 16.29
N PHE A 139 17.76 -13.79 15.58
CA PHE A 139 17.31 -14.35 14.31
C PHE A 139 18.43 -14.27 13.29
N LEU A 140 19.09 -13.13 13.25
CA LEU A 140 20.23 -12.89 12.36
C LEU A 140 21.35 -13.90 12.60
N ARG A 141 21.71 -14.13 13.86
CA ARG A 141 22.76 -15.07 14.19
C ARG A 141 22.36 -16.47 13.73
N ALA A 142 21.10 -16.84 13.97
CA ALA A 142 20.61 -18.16 13.62
C ALA A 142 20.59 -18.36 12.10
N SER A 143 20.53 -17.27 11.33
CA SER A 143 20.49 -17.36 9.88
C SER A 143 21.88 -17.49 9.23
N GLY A 144 22.93 -17.24 10.01
CA GLY A 144 24.29 -17.34 9.51
C GLY A 144 25.03 -16.01 9.46
N ASP A 145 24.40 -14.96 9.97
CA ASP A 145 24.97 -13.61 9.95
C ASP A 145 25.72 -13.32 11.25
N THR A 146 27.04 -13.14 11.16
CA THR A 146 27.88 -12.94 12.35
C THR A 146 28.26 -11.46 12.54
N VAL A 147 27.68 -10.59 11.72
CA VAL A 147 28.12 -9.20 11.64
C VAL A 147 27.03 -8.18 11.99
N SER A 148 25.88 -8.25 11.32
CA SER A 148 24.80 -7.30 11.56
C SER A 148 24.29 -7.35 13.01
N ARG A 149 23.84 -6.22 13.54
CA ARG A 149 23.30 -6.17 14.91
C ARG A 149 22.22 -5.11 15.07
N SER A 150 21.14 -5.49 15.74
CA SER A 150 20.06 -4.59 16.12
C SER A 150 20.11 -4.32 17.61
N ASP A 151 20.17 -3.04 17.99
CA ASP A 151 20.43 -2.65 19.37
C ASP A 151 19.40 -1.72 19.98
N ARG A 152 18.88 -0.80 19.18
CA ARG A 152 17.98 0.24 19.71
C ARG A 152 16.64 0.31 18.98
N LEU A 153 15.69 1.03 19.61
CA LEU A 153 14.37 1.27 19.04
C LEU A 153 14.34 2.51 18.17
N GLU A 154 13.26 2.68 17.41
CA GLU A 154 13.05 3.93 16.68
C GLU A 154 12.65 5.06 17.63
N PRO A 155 13.17 6.29 17.40
CA PRO A 155 14.09 6.70 16.33
C PRO A 155 15.57 6.72 16.74
N GLU A 156 15.89 6.37 17.98
CA GLU A 156 17.27 6.45 18.47
C GLU A 156 18.28 5.67 17.62
N LEU A 157 17.82 4.59 16.96
CA LEU A 157 18.74 3.73 16.21
C LEU A 157 19.44 4.46 15.06
N ASN A 158 18.86 5.57 14.62
CA ASN A 158 19.43 6.41 13.58
C ASN A 158 20.55 7.35 14.02
N SER A 159 20.85 7.42 15.30
CA SER A 159 21.91 8.30 15.80
C SER A 159 23.21 7.57 15.94
N PHE A 160 24.02 7.60 14.89
CA PHE A 160 25.33 6.96 14.71
C PHE A 160 26.51 7.87 15.07
N ALA A 161 27.47 7.33 15.78
CA ALA A 161 28.67 8.05 16.15
C ALA A 161 29.82 7.28 15.49
N LYS A 162 30.83 7.96 14.95
CA LYS A 162 31.92 7.26 14.28
C LYS A 162 32.60 6.33 15.29
N GLY A 163 32.75 5.06 14.93
CA GLY A 163 33.37 4.09 15.81
C GLY A 163 32.41 3.37 16.76
N ASP A 164 31.13 3.69 16.66
CA ASP A 164 30.08 3.05 17.46
C ASP A 164 29.39 2.01 16.57
N PRO A 165 29.42 0.73 16.99
CA PRO A 165 28.92 -0.36 16.15
C PRO A 165 27.45 -0.69 16.35
N ARG A 166 26.76 0.06 17.21
CA ARG A 166 25.34 -0.20 17.45
C ARG A 166 24.53 0.02 16.17
N ASP A 167 23.65 -0.95 15.86
CA ASP A 167 22.75 -0.86 14.73
C ASP A 167 23.46 -0.73 13.38
N THR A 168 24.51 -1.53 13.17
CA THR A 168 25.28 -1.51 11.91
C THR A 168 25.35 -2.86 11.18
N THR A 169 25.78 -2.80 9.91
CA THR A 169 26.08 -3.98 9.10
C THR A 169 27.27 -3.65 8.19
N THR A 170 27.67 -4.59 7.35
CA THR A 170 28.62 -4.30 6.26
C THR A 170 27.91 -4.59 4.94
N PRO A 171 28.34 -3.95 3.85
CA PRO A 171 27.75 -4.25 2.53
C PRO A 171 27.77 -5.76 2.21
N ALA A 172 28.86 -6.44 2.57
CA ALA A 172 29.01 -7.86 2.26
C ALA A 172 28.13 -8.74 3.14
N ALA A 173 28.05 -8.41 4.43
CA ALA A 173 27.20 -9.18 5.35
C ALA A 173 25.73 -9.09 4.96
N MET A 174 25.25 -7.87 4.70
CA MET A 174 23.84 -7.66 4.37
C MET A 174 23.46 -8.33 3.03
N ALA A 175 24.39 -8.29 2.06
CA ALA A 175 24.19 -8.93 0.76
C ALA A 175 23.99 -10.44 0.95
N ALA A 176 24.88 -11.05 1.73
CA ALA A 176 24.78 -12.48 2.00
C ALA A 176 23.47 -12.82 2.73
N THR A 177 23.08 -11.98 3.68
CA THR A 177 21.87 -12.22 4.44
C THR A 177 20.62 -12.13 3.55
N LEU A 178 20.60 -11.16 2.65
CA LEU A 178 19.50 -11.08 1.67
C LEU A 178 19.40 -12.37 0.84
N GLN A 179 20.53 -12.94 0.44
CA GLN A 179 20.48 -14.21 -0.30
C GLN A 179 19.86 -15.31 0.54
N ARG A 180 20.41 -15.55 1.74
CA ARG A 180 19.90 -16.63 2.58
C ARG A 180 18.42 -16.47 3.00
N VAL A 181 18.01 -15.26 3.33
CA VAL A 181 16.67 -15.06 3.88
C VAL A 181 15.60 -14.82 2.78
N VAL A 182 15.92 -14.05 1.75
CA VAL A 182 14.92 -13.80 0.70
C VAL A 182 14.94 -14.86 -0.41
N LEU A 183 16.09 -15.50 -0.64
CA LEU A 183 16.19 -16.47 -1.72
C LEU A 183 16.47 -17.90 -1.24
N GLY A 184 16.95 -18.07 -0.01
CA GLY A 184 17.38 -19.37 0.47
C GLY A 184 16.36 -20.13 1.33
N GLU A 185 16.86 -20.91 2.28
CA GLU A 185 15.94 -21.74 3.05
C GLU A 185 15.92 -21.43 4.56
N VAL A 186 16.23 -20.19 4.92
CA VAL A 186 16.08 -19.76 6.32
C VAL A 186 14.60 -19.74 6.71
N LEU A 187 13.75 -19.27 5.81
CA LEU A 187 12.31 -19.25 6.03
C LEU A 187 11.63 -20.36 5.20
N GLN A 188 10.40 -20.73 5.56
CA GLN A 188 9.57 -21.61 4.72
C GLN A 188 9.17 -20.88 3.43
N PRO A 189 8.86 -21.65 2.36
CA PRO A 189 8.56 -21.07 1.04
C PRO A 189 7.46 -20.00 1.04
N ALA A 190 6.32 -20.25 1.67
CA ALA A 190 5.25 -19.27 1.71
C ALA A 190 5.68 -17.98 2.44
N SER A 191 6.54 -18.12 3.46
CA SER A 191 7.04 -16.97 4.22
C SER A 191 8.00 -16.10 3.41
N ARG A 192 8.95 -16.74 2.72
CA ARG A 192 9.93 -15.97 1.97
C ARG A 192 9.32 -15.35 0.69
N GLN A 193 8.36 -16.01 0.06
CA GLN A 193 7.66 -15.37 -1.05
C GLN A 193 6.88 -14.13 -0.57
N GLN A 194 6.30 -14.20 0.62
CA GLN A 194 5.60 -13.04 1.17
C GLN A 194 6.57 -11.88 1.43
N LEU A 195 7.76 -12.22 1.96
CA LEU A 195 8.77 -11.21 2.18
C LEU A 195 9.24 -10.60 0.84
N ALA A 196 9.45 -11.45 -0.16
CA ALA A 196 9.84 -10.99 -1.49
C ALA A 196 8.82 -9.98 -2.05
N ASP A 197 7.54 -10.32 -1.95
CA ASP A 197 6.49 -9.46 -2.50
C ASP A 197 6.44 -8.06 -1.86
N TRP A 198 6.61 -8.00 -0.53
CA TRP A 198 6.66 -6.72 0.18
C TRP A 198 7.82 -5.86 -0.33
N LEU A 199 9.00 -6.43 -0.43
CA LEU A 199 10.16 -5.74 -1.00
C LEU A 199 9.92 -5.25 -2.45
N ILE A 200 9.23 -6.04 -3.25
CA ILE A 200 8.92 -5.66 -4.64
C ILE A 200 7.96 -4.48 -4.70
N ASP A 201 7.03 -4.42 -3.75
CA ASP A 201 6.04 -3.35 -3.63
C ASP A 201 6.52 -2.06 -2.96
N ASN A 202 7.80 -1.96 -2.59
CA ASN A 202 8.32 -0.77 -1.89
C ASN A 202 8.05 0.53 -2.64
N GLU A 203 7.71 1.61 -1.91
CA GLU A 203 7.34 2.88 -2.54
C GLU A 203 8.30 4.06 -2.29
N THR A 204 9.36 3.83 -1.50
CA THR A 204 10.29 4.90 -1.13
C THR A 204 11.60 4.98 -1.91
N GLY A 205 11.86 4.03 -2.81
CA GLY A 205 13.13 4.00 -3.50
C GLY A 205 13.14 4.31 -5.00
N ASP A 206 12.14 5.03 -5.49
CA ASP A 206 12.07 5.32 -6.93
C ASP A 206 13.26 6.09 -7.51
N ALA A 207 13.82 6.99 -6.71
CA ALA A 207 14.94 7.82 -7.17
C ALA A 207 16.28 7.25 -6.76
N CYS A 208 16.30 6.05 -6.17
CA CYS A 208 17.56 5.47 -5.70
C CYS A 208 18.03 4.36 -6.66
N LEU A 209 18.29 3.14 -6.17
CA LEU A 209 18.88 2.12 -7.05
C LEU A 209 18.01 1.83 -8.28
N ARG A 210 16.69 1.76 -8.10
CA ARG A 210 15.74 1.56 -9.20
C ARG A 210 15.94 2.55 -10.36
N ALA A 211 16.32 3.79 -10.05
CA ALA A 211 16.41 4.83 -11.09
C ALA A 211 17.56 4.58 -12.06
N GLY A 212 18.54 3.78 -11.64
CA GLY A 212 19.67 3.44 -12.49
C GLY A 212 19.65 2.03 -13.07
N LEU A 213 18.60 1.26 -12.78
CA LEU A 213 18.53 -0.13 -13.25
C LEU A 213 17.58 -0.27 -14.44
N GLY A 214 17.99 -1.03 -15.47
CA GLY A 214 17.21 -1.22 -16.68
C GLY A 214 16.03 -2.17 -16.53
N LYS A 215 15.12 -2.14 -17.51
CA LYS A 215 13.86 -2.88 -17.47
C LYS A 215 14.01 -4.39 -17.48
N ARG A 216 15.21 -4.90 -17.75
CA ARG A 216 15.42 -6.34 -17.71
C ARG A 216 15.41 -6.92 -16.29
N TRP A 217 15.33 -6.05 -15.28
CA TRP A 217 15.32 -6.49 -13.89
C TRP A 217 13.95 -6.24 -13.23
N ARG A 218 13.53 -7.20 -12.41
CA ARG A 218 12.45 -6.97 -11.47
C ARG A 218 13.07 -6.73 -10.10
N VAL A 219 12.82 -5.57 -9.51
CA VAL A 219 13.52 -5.16 -8.29
C VAL A 219 12.65 -5.19 -7.03
N GLY A 220 13.20 -5.75 -5.95
CA GLY A 220 12.70 -5.50 -4.60
C GLY A 220 13.76 -4.76 -3.81
N ASP A 221 13.37 -3.77 -3.01
CA ASP A 221 14.36 -3.05 -2.21
C ASP A 221 13.83 -2.54 -0.88
N LYS A 222 14.76 -2.10 -0.02
CA LYS A 222 14.44 -1.38 1.22
C LYS A 222 15.45 -0.24 1.40
N THR A 223 14.96 0.99 1.56
CA THR A 223 15.81 2.17 1.76
C THR A 223 16.05 2.49 3.23
N GLY A 224 17.03 3.36 3.49
CA GLY A 224 17.21 3.99 4.80
C GLY A 224 17.84 5.37 4.72
N SER A 225 17.69 6.18 5.78
CA SER A 225 18.41 7.45 5.86
C SER A 225 18.37 8.06 7.26
N ASN A 226 19.25 9.04 7.52
CA ASN A 226 19.03 9.88 8.69
C ASN A 226 19.17 11.38 8.32
N GLY A 227 19.05 12.26 9.30
CA GLY A 227 19.05 13.68 9.02
C GLY A 227 20.43 14.30 8.84
N GLU A 228 21.47 13.56 9.23
CA GLU A 228 22.81 14.09 9.16
C GLU A 228 23.48 13.83 7.81
N ASP A 229 23.76 12.57 7.47
CA ASP A 229 24.47 12.29 6.21
C ASP A 229 24.27 10.89 5.62
N ALA A 230 23.47 10.03 6.26
CA ALA A 230 23.30 8.66 5.80
C ALA A 230 22.14 8.50 4.80
N ARG A 231 22.39 7.75 3.72
CA ARG A 231 21.32 7.33 2.81
C ARG A 231 21.70 6.00 2.22
N ASN A 232 20.84 5.00 2.40
CA ASN A 232 21.13 3.62 2.01
C ASN A 232 20.04 3.02 1.11
N ASP A 233 20.39 2.02 0.33
CA ASP A 233 19.39 1.22 -0.43
C ASP A 233 19.94 -0.21 -0.60
N ILE A 234 19.15 -1.22 -0.25
CA ILE A 234 19.55 -2.62 -0.50
C ILE A 234 18.49 -3.29 -1.37
N ALA A 235 18.94 -4.14 -2.30
CA ALA A 235 18.00 -4.69 -3.31
C ALA A 235 18.30 -6.12 -3.76
N VAL A 236 17.24 -6.76 -4.24
CA VAL A 236 17.36 -8.05 -4.93
C VAL A 236 16.91 -7.87 -6.38
N LEU A 237 17.70 -8.38 -7.31
CA LEU A 237 17.46 -8.23 -8.75
C LEU A 237 17.10 -9.56 -9.42
N TRP A 238 15.84 -9.71 -9.82
CA TRP A 238 15.40 -10.90 -10.57
C TRP A 238 15.38 -10.60 -12.07
N PRO A 239 16.07 -11.43 -12.86
CA PRO A 239 16.00 -11.22 -14.32
C PRO A 239 14.66 -11.67 -14.86
N VAL A 240 13.92 -10.79 -15.52
CA VAL A 240 12.58 -11.14 -15.97
C VAL A 240 12.60 -12.25 -17.04
N ALA A 241 13.72 -12.38 -17.75
CA ALA A 241 13.84 -13.41 -18.77
C ALA A 241 14.29 -14.74 -18.18
N GLY A 242 14.57 -14.75 -16.87
CA GLY A 242 14.93 -15.98 -16.19
C GLY A 242 16.40 -16.09 -15.85
N GLY A 243 16.73 -16.93 -14.89
CA GLY A 243 18.11 -17.08 -14.46
C GLY A 243 18.29 -16.73 -12.99
N ALA A 244 19.51 -16.86 -12.50
CA ALA A 244 19.77 -16.60 -11.09
C ALA A 244 19.70 -15.11 -10.78
N PRO A 245 19.19 -14.75 -9.60
CA PRO A 245 19.12 -13.36 -9.15
C PRO A 245 20.47 -12.77 -8.75
N TRP A 246 20.55 -11.44 -8.72
CA TRP A 246 21.70 -10.75 -8.15
C TRP A 246 21.27 -9.97 -6.92
N VAL A 247 22.23 -9.64 -6.06
CA VAL A 247 21.94 -8.83 -4.89
C VAL A 247 22.83 -7.59 -4.90
N LEU A 248 22.25 -6.42 -4.63
CA LEU A 248 23.01 -5.16 -4.64
C LEU A 248 22.78 -4.33 -3.38
N THR A 249 23.81 -4.17 -2.54
CA THR A 249 23.69 -3.34 -1.35
C THR A 249 24.51 -2.04 -1.50
N ALA A 250 23.94 -0.93 -1.05
CA ALA A 250 24.64 0.35 -1.11
C ALA A 250 24.43 1.18 0.16
N TYR A 251 25.52 1.49 0.84
CA TYR A 251 25.48 2.33 2.04
C TYR A 251 26.33 3.60 1.81
N LEU A 252 25.73 4.76 2.06
CA LEU A 252 26.40 6.04 1.80
C LEU A 252 26.38 7.01 2.98
N GLN A 253 27.53 7.59 3.28
CA GLN A 253 27.61 8.74 4.19
C GLN A 253 28.30 9.89 3.46
N ALA A 254 27.59 11.00 3.26
CA ALA A 254 28.14 12.12 2.49
C ALA A 254 27.50 13.42 2.88
N GLY A 255 28.08 14.09 3.88
CA GLY A 255 27.48 15.28 4.44
C GLY A 255 27.69 16.56 3.65
N ALA A 256 28.59 16.55 2.67
CA ALA A 256 28.84 17.78 1.90
C ALA A 256 27.89 17.95 0.70
N ILE A 257 27.07 16.93 0.42
CA ILE A 257 26.06 17.10 -0.62
C ILE A 257 24.65 17.05 -0.03
N SER A 258 23.66 17.51 -0.80
CA SER A 258 22.27 17.53 -0.35
C SER A 258 21.64 16.13 -0.29
N TYR A 259 20.53 16.03 0.42
CA TYR A 259 19.73 14.81 0.55
C TYR A 259 19.40 14.25 -0.83
N GLU A 260 18.99 15.14 -1.75
CA GLU A 260 18.66 14.76 -3.12
C GLU A 260 19.86 14.21 -3.91
N GLN A 261 21.01 14.83 -3.71
CA GLN A 261 22.20 14.41 -4.39
C GLN A 261 22.64 13.03 -3.88
N ARG A 262 22.35 12.73 -2.61
CA ARG A 262 22.60 11.39 -2.08
C ARG A 262 21.82 10.33 -2.87
N ALA A 263 20.56 10.62 -3.19
CA ALA A 263 19.79 9.72 -4.04
C ALA A 263 20.42 9.56 -5.42
N SER A 264 20.88 10.67 -6.00
N SER A 264 20.90 10.65 -6.01
CA SER A 264 21.54 10.62 -7.30
CA SER A 264 21.51 10.57 -7.33
C SER A 264 22.78 9.73 -7.26
C SER A 264 22.80 9.75 -7.29
N VAL A 265 23.45 9.72 -6.11
CA VAL A 265 24.64 8.90 -5.94
C VAL A 265 24.24 7.41 -5.94
N LEU A 266 23.11 7.11 -5.30
CA LEU A 266 22.59 5.76 -5.25
C LEU A 266 22.19 5.30 -6.64
N ALA A 267 21.51 6.16 -7.39
CA ALA A 267 21.09 5.86 -8.76
C ALA A 267 22.32 5.52 -9.63
N GLN A 268 23.42 6.22 -9.39
CA GLN A 268 24.64 5.99 -10.15
C GLN A 268 25.28 4.65 -9.80
N VAL A 269 25.11 4.18 -8.56
CA VAL A 269 25.55 2.82 -8.20
C VAL A 269 24.80 1.79 -9.06
N GLY A 270 23.48 1.98 -9.17
CA GLY A 270 22.67 1.16 -10.03
C GLY A 270 23.16 1.10 -11.48
N ARG A 271 23.50 2.26 -12.05
CA ARG A 271 23.97 2.33 -13.44
C ARG A 271 25.30 1.61 -13.64
N ILE A 272 26.23 1.79 -12.70
CA ILE A 272 27.53 1.11 -12.78
C ILE A 272 27.39 -0.40 -12.63
N ALA A 273 26.59 -0.84 -11.68
CA ALA A 273 26.36 -2.27 -11.45
C ALA A 273 25.72 -2.95 -12.67
N ASP A 274 24.76 -2.28 -13.28
CA ASP A 274 24.07 -2.81 -14.45
C ASP A 274 25.06 -3.01 -15.61
N ARG A 275 26.02 -2.09 -15.74
CA ARG A 275 27.02 -2.21 -16.80
C ARG A 275 28.04 -3.32 -16.48
N LEU A 276 28.35 -3.51 -15.19
CA LEU A 276 29.29 -4.55 -14.76
C LEU A 276 28.75 -5.96 -15.01
N ILE A 277 27.46 -6.15 -14.73
CA ILE A 277 26.76 -7.39 -15.01
C ILE A 277 26.73 -7.64 -16.52
N GLY A 278 26.50 -6.58 -17.28
CA GLY A 278 26.61 -6.62 -18.73
C GLY A 278 25.54 -7.47 -19.37
N ASN B 9 -13.61 28.64 -15.50
CA ASN B 9 -13.99 27.72 -14.45
C ASN B 9 -14.51 28.41 -13.19
N ALA B 10 -14.19 29.69 -13.05
CA ALA B 10 -14.55 30.45 -11.83
C ALA B 10 -16.05 30.45 -11.48
N PRO B 11 -16.95 30.67 -12.46
CA PRO B 11 -18.36 30.67 -12.07
C PRO B 11 -18.85 29.33 -11.50
N THR B 12 -18.42 28.23 -12.11
CA THR B 12 -18.86 26.90 -11.68
C THR B 12 -18.27 26.53 -10.31
N ASP B 13 -16.99 26.81 -10.11
CA ASP B 13 -16.37 26.54 -8.81
C ASP B 13 -17.08 27.31 -7.69
N ALA B 14 -17.46 28.56 -8.00
CA ALA B 14 -18.16 29.44 -7.06
C ALA B 14 -19.57 28.93 -6.75
N ALA B 15 -20.29 28.53 -7.79
CA ALA B 15 -21.60 27.92 -7.64
C ALA B 15 -21.57 26.67 -6.74
N ILE B 16 -20.54 25.84 -6.92
CA ILE B 16 -20.42 24.60 -6.15
C ILE B 16 -20.24 24.89 -4.66
N THR B 17 -19.39 25.86 -4.35
CA THR B 17 -19.13 26.28 -2.98
C THR B 17 -20.38 26.87 -2.30
N ALA B 18 -21.15 27.66 -3.05
CA ALA B 18 -22.38 28.26 -2.50
C ALA B 18 -23.51 27.27 -2.22
N ALA B 19 -23.42 26.06 -2.77
CA ALA B 19 -24.47 25.05 -2.66
C ALA B 19 -24.57 24.45 -1.26
N SER B 20 -25.67 24.75 -0.59
CA SER B 20 -25.95 24.34 0.78
C SER B 20 -26.83 23.10 0.97
N ASP B 21 -27.41 22.64 -0.10
CA ASP B 21 -28.21 21.41 -0.06
C ASP B 21 -27.98 20.60 -1.34
N PHE B 22 -28.33 19.31 -1.31
CA PHE B 22 -27.99 18.40 -2.43
C PHE B 22 -28.64 18.83 -3.75
N ALA B 23 -29.91 19.23 -3.70
CA ALA B 23 -30.60 19.66 -4.92
C ALA B 23 -29.93 20.89 -5.56
N ALA B 24 -29.43 21.82 -4.73
CA ALA B 24 -28.75 23.00 -5.26
C ALA B 24 -27.37 22.66 -5.82
N LEU B 25 -26.71 21.68 -5.21
CA LEU B 25 -25.42 21.21 -5.69
C LEU B 25 -25.53 20.57 -7.08
N GLU B 26 -26.54 19.72 -7.26
CA GLU B 26 -26.82 19.11 -8.55
C GLU B 26 -26.98 20.18 -9.63
N LYS B 27 -27.76 21.22 -9.31
CA LYS B 27 -28.02 22.31 -10.25
C LYS B 27 -26.73 23.06 -10.58
N ALA B 28 -25.86 23.22 -9.59
CA ALA B 28 -24.64 23.98 -9.77
C ALA B 28 -23.68 23.36 -10.79
N CYS B 29 -23.73 22.03 -10.97
CA CYS B 29 -22.87 21.39 -11.97
C CYS B 29 -23.64 20.83 -13.16
N ALA B 30 -24.93 21.19 -13.27
CA ALA B 30 -25.81 20.71 -14.33
C ALA B 30 -25.75 19.20 -14.49
N GLY B 31 -25.72 18.47 -13.38
CA GLY B 31 -25.53 17.03 -13.44
C GLY B 31 -26.70 16.23 -12.93
N ARG B 32 -26.45 14.96 -12.63
CA ARG B 32 -27.41 14.10 -11.95
C ARG B 32 -26.74 13.49 -10.72
N LEU B 33 -27.28 13.80 -9.53
CA LEU B 33 -26.62 13.45 -8.28
C LEU B 33 -27.52 12.61 -7.37
N GLY B 34 -26.99 11.49 -6.90
CA GLY B 34 -27.70 10.62 -5.97
C GLY B 34 -26.89 10.40 -4.71
N VAL B 35 -27.53 10.67 -3.57
CA VAL B 35 -26.90 10.69 -2.24
C VAL B 35 -27.83 10.00 -1.23
N THR B 36 -27.27 9.18 -0.35
CA THR B 36 -27.97 8.77 0.88
C THR B 36 -27.03 9.00 2.06
N LEU B 37 -27.48 9.76 3.05
CA LEU B 37 -26.79 9.84 4.35
C LEU B 37 -27.60 9.03 5.35
N LEU B 38 -26.99 8.01 5.95
CA LEU B 38 -27.72 7.08 6.82
C LEU B 38 -27.20 7.05 8.25
N ASP B 39 -28.11 7.27 9.20
CA ASP B 39 -27.84 7.19 10.64
C ASP B 39 -28.05 5.75 11.13
N THR B 40 -26.96 5.06 11.47
CA THR B 40 -27.08 3.63 11.75
C THR B 40 -27.71 3.33 13.10
N ALA B 41 -27.83 4.33 13.97
CA ALA B 41 -28.45 4.11 15.27
C ALA B 41 -29.98 4.07 15.17
N SER B 42 -30.54 4.94 14.32
CA SER B 42 -31.99 5.07 14.22
C SER B 42 -32.57 4.54 12.89
N GLY B 43 -31.70 4.32 11.90
CA GLY B 43 -32.13 3.89 10.58
C GLY B 43 -32.59 5.03 9.69
N ARG B 44 -32.58 6.26 10.20
CA ARG B 44 -33.05 7.45 9.47
C ARG B 44 -32.14 7.95 8.35
N ARG B 45 -32.72 8.41 7.27
CA ARG B 45 -32.01 8.81 6.05
C ARG B 45 -32.40 10.19 5.54
N ILE B 46 -31.48 10.87 4.86
CA ILE B 46 -31.71 12.07 4.06
C ILE B 46 -30.86 11.99 2.78
N GLY B 47 -31.37 12.54 1.76
CA GLY B 47 -30.65 12.46 0.50
C GLY B 47 -31.34 13.02 -0.72
N HIS B 48 -30.98 12.48 -1.89
CA HIS B 48 -31.42 13.00 -3.18
C HIS B 48 -31.39 11.85 -4.21
N ARG B 49 -32.49 11.65 -4.92
CA ARG B 49 -32.63 10.55 -5.90
C ARG B 49 -32.16 9.21 -5.33
N GLN B 50 -32.60 8.92 -4.10
CA GLN B 50 -32.10 7.77 -3.34
C GLN B 50 -32.44 6.43 -3.98
N ASP B 51 -33.47 6.42 -4.83
CA ASP B 51 -33.92 5.16 -5.44
C ASP B 51 -33.74 5.10 -6.95
N GLU B 52 -32.95 6.01 -7.52
CA GLU B 52 -32.62 5.96 -8.94
C GLU B 52 -31.32 5.15 -9.15
N ARG B 53 -31.23 4.44 -10.28
CA ARG B 53 -30.04 3.64 -10.57
C ARG B 53 -28.87 4.48 -11.13
N PHE B 54 -27.66 4.18 -10.65
CA PHE B 54 -26.41 4.79 -11.16
C PHE B 54 -25.40 3.68 -11.43
N PRO B 55 -24.42 3.92 -12.34
CA PRO B 55 -23.40 2.88 -12.52
C PRO B 55 -22.50 2.76 -11.28
N MET B 56 -22.23 1.55 -10.82
CA MET B 56 -21.37 1.39 -9.65
C MET B 56 -19.92 1.80 -9.91
N CYS B 57 -19.44 1.54 -11.13
CA CYS B 57 -18.01 1.66 -11.46
C CYS B 57 -17.21 0.94 -10.38
N SER B 58 -16.08 1.49 -9.92
CA SER B 58 -15.19 0.73 -9.05
C SER B 58 -15.71 0.61 -7.60
N THR B 59 -16.81 1.28 -7.24
CA THR B 59 -17.33 1.11 -5.88
C THR B 59 -17.77 -0.35 -5.63
N PHE B 60 -18.03 -1.11 -6.69
CA PHE B 60 -18.40 -2.54 -6.53
C PHE B 60 -17.28 -3.39 -5.92
N LYS B 61 -16.04 -2.91 -6.01
CA LYS B 61 -14.91 -3.67 -5.51
C LYS B 61 -14.98 -3.91 -4.00
N SER B 62 -15.67 -3.04 -3.28
CA SER B 62 -15.91 -3.26 -1.85
C SER B 62 -16.61 -4.60 -1.63
N MET B 63 -17.53 -4.93 -2.54
CA MET B 63 -18.37 -6.11 -2.41
C MET B 63 -17.76 -7.37 -3.05
N LEU B 64 -16.89 -7.19 -4.04
CA LEU B 64 -16.12 -8.31 -4.56
C LEU B 64 -15.11 -8.81 -3.50
N ALA B 65 -14.46 -7.88 -2.82
CA ALA B 65 -13.58 -8.22 -1.70
C ALA B 65 -14.36 -8.95 -0.58
N ALA B 66 -15.61 -8.54 -0.34
CA ALA B 66 -16.41 -9.19 0.70
C ALA B 66 -16.86 -10.58 0.25
N THR B 67 -17.08 -10.76 -1.04
CA THR B 67 -17.39 -12.07 -1.60
C THR B 67 -16.22 -13.03 -1.36
N VAL B 68 -15.01 -12.54 -1.61
CA VAL B 68 -13.81 -13.34 -1.36
C VAL B 68 -13.72 -13.74 0.10
N LEU B 69 -13.90 -12.78 1.00
CA LEU B 69 -13.72 -13.03 2.43
C LEU B 69 -14.75 -14.06 2.89
N SER B 70 -15.97 -13.92 2.41
CA SER B 70 -17.05 -14.82 2.77
C SER B 70 -16.74 -16.25 2.33
N GLN B 71 -16.23 -16.41 1.12
CA GLN B 71 -15.85 -17.75 0.63
C GLN B 71 -14.70 -18.33 1.44
N ALA B 72 -13.78 -17.49 1.90
CA ALA B 72 -12.64 -17.95 2.69
C ALA B 72 -13.08 -18.46 4.07
N GLU B 73 -14.28 -18.08 4.49
CA GLU B 73 -14.82 -18.54 5.77
C GLU B 73 -15.22 -20.01 5.72
N ARG B 74 -15.52 -20.53 4.53
CA ARG B 74 -15.83 -21.95 4.41
C ARG B 74 -14.73 -22.73 3.66
N MET B 75 -13.71 -22.01 3.20
CA MET B 75 -12.54 -22.65 2.59
C MET B 75 -11.27 -22.12 3.21
N PRO B 76 -10.80 -22.78 4.29
CA PRO B 76 -9.64 -22.34 5.07
C PRO B 76 -8.38 -22.15 4.21
N ALA B 77 -7.65 -21.08 4.48
CA ALA B 77 -6.40 -20.76 3.78
C ALA B 77 -6.60 -20.35 2.30
N LEU B 78 -7.84 -20.06 1.90
CA LEU B 78 -8.07 -19.48 0.58
C LEU B 78 -7.30 -18.17 0.42
N LEU B 79 -7.25 -17.37 1.49
CA LEU B 79 -6.59 -16.06 1.42
C LEU B 79 -5.08 -16.18 1.19
N ASP B 80 -4.48 -17.33 1.52
CA ASP B 80 -3.05 -17.55 1.30
C ASP B 80 -2.70 -18.18 -0.06
N ARG B 81 -3.69 -18.68 -0.79
CA ARG B 81 -3.46 -19.25 -2.13
C ARG B 81 -2.86 -18.22 -3.10
N ARG B 82 -1.94 -18.63 -3.94
CA ARG B 82 -1.32 -17.69 -4.91
C ARG B 82 -1.92 -17.81 -6.30
N VAL B 83 -2.06 -16.67 -6.98
CA VAL B 83 -2.72 -16.57 -8.28
C VAL B 83 -1.74 -15.98 -9.31
N PRO B 84 -1.50 -16.68 -10.42
CA PRO B 84 -0.57 -16.15 -11.43
C PRO B 84 -1.02 -14.81 -12.03
N VAL B 85 -0.06 -13.91 -12.24
CA VAL B 85 -0.28 -12.67 -12.97
C VAL B 85 0.43 -12.76 -14.32
N GLY B 86 -0.35 -12.82 -15.39
CA GLY B 86 0.22 -12.92 -16.71
C GLY B 86 0.25 -11.60 -17.45
N GLU B 87 1.17 -11.47 -18.39
CA GLU B 87 1.27 -10.30 -19.25
C GLU B 87 -0.08 -10.05 -19.93
N ALA B 88 -0.72 -11.14 -20.34
CA ALA B 88 -2.00 -11.05 -21.02
C ALA B 88 -3.11 -10.55 -20.09
N ASP B 89 -2.87 -10.56 -18.79
CA ASP B 89 -3.87 -10.13 -17.81
C ASP B 89 -3.85 -8.61 -17.60
N LEU B 90 -2.75 -7.98 -17.95
CA LEU B 90 -2.53 -6.57 -17.62
C LEU B 90 -3.47 -5.61 -18.37
N LEU B 91 -4.01 -4.63 -17.64
CA LEU B 91 -4.89 -3.62 -18.23
C LEU B 91 -4.24 -2.24 -18.10
N SER B 92 -4.85 -1.19 -18.65
CA SER B 92 -4.29 0.16 -18.53
C SER B 92 -4.06 0.60 -17.09
N HIS B 93 -5.02 0.35 -16.21
CA HIS B 93 -4.89 0.75 -14.81
C HIS B 93 -4.57 -0.46 -13.94
N ALA B 94 -3.27 -0.73 -13.80
CA ALA B 94 -2.83 -1.88 -13.03
C ALA B 94 -1.60 -1.56 -12.18
N PRO B 95 -1.73 -0.61 -11.24
CA PRO B 95 -0.55 -0.04 -10.57
C PRO B 95 0.19 -1.04 -9.69
N VAL B 96 -0.48 -2.00 -9.07
CA VAL B 96 0.21 -2.96 -8.19
C VAL B 96 0.63 -4.23 -8.97
N THR B 97 -0.30 -4.83 -9.70
CA THR B 97 -0.06 -6.10 -10.38
C THR B 97 0.97 -6.00 -11.52
N ARG B 98 1.15 -4.81 -12.08
CA ARG B 98 2.11 -4.65 -13.16
C ARG B 98 3.53 -5.02 -12.69
N ARG B 99 3.84 -4.81 -11.40
CA ARG B 99 5.14 -5.20 -10.87
C ARG B 99 5.30 -6.72 -10.76
N HIS B 100 4.19 -7.45 -10.85
CA HIS B 100 4.19 -8.87 -10.54
C HIS B 100 3.87 -9.73 -11.77
N ALA B 101 3.99 -9.15 -12.96
CA ALA B 101 3.73 -9.90 -14.19
C ALA B 101 4.83 -10.94 -14.44
N GLY B 102 4.42 -12.20 -14.62
CA GLY B 102 5.36 -13.31 -14.77
C GLY B 102 5.60 -14.11 -13.50
N LYS B 103 4.98 -13.71 -12.40
CA LYS B 103 5.05 -14.47 -11.15
C LYS B 103 3.64 -14.45 -10.53
N ASP B 104 3.53 -14.56 -9.20
CA ASP B 104 2.18 -14.58 -8.62
C ASP B 104 2.04 -13.74 -7.35
N MET B 105 0.79 -13.60 -6.90
CA MET B 105 0.44 -12.80 -5.72
C MET B 105 -0.57 -13.57 -4.86
N THR B 106 -0.59 -13.32 -3.55
CA THR B 106 -1.61 -14.01 -2.72
C THR B 106 -3.01 -13.42 -2.96
N VAL B 107 -4.06 -14.20 -2.69
CA VAL B 107 -5.44 -13.71 -2.79
C VAL B 107 -5.67 -12.49 -1.88
N ARG B 108 -5.17 -12.57 -0.64
CA ARG B 108 -5.29 -11.46 0.31
C ARG B 108 -4.68 -10.17 -0.29
N ASP B 109 -3.49 -10.26 -0.87
CA ASP B 109 -2.83 -9.06 -1.39
C ASP B 109 -3.54 -8.52 -2.63
N LEU B 110 -4.12 -9.41 -3.44
CA LEU B 110 -4.95 -8.97 -4.56
C LEU B 110 -6.16 -8.17 -4.04
N CYS B 111 -6.77 -8.61 -2.95
CA CYS B 111 -7.88 -7.87 -2.34
C CYS B 111 -7.47 -6.46 -1.91
N ARG B 112 -6.34 -6.34 -1.22
CA ARG B 112 -5.86 -5.03 -0.78
C ARG B 112 -5.63 -4.10 -1.96
N ALA B 113 -4.90 -4.60 -2.95
CA ALA B 113 -4.58 -3.81 -4.13
C ALA B 113 -5.83 -3.24 -4.79
N THR B 114 -6.87 -4.06 -4.93
CA THR B 114 -8.02 -3.59 -5.68
C THR B 114 -8.84 -2.57 -4.88
N ILE B 115 -8.82 -2.66 -3.55
CA ILE B 115 -9.57 -1.70 -2.75
C ILE B 115 -8.87 -0.33 -2.68
N ILE B 116 -7.59 -0.31 -2.33
CA ILE B 116 -6.91 0.94 -2.01
C ILE B 116 -6.29 1.65 -3.22
N THR B 117 -6.10 0.95 -4.35
CA THR B 117 -5.59 1.61 -5.58
C THR B 117 -6.55 1.46 -6.76
N SER B 118 -7.59 0.64 -6.60
CA SER B 118 -8.60 0.39 -7.64
C SER B 118 -8.06 -0.42 -8.84
N ASP B 119 -6.94 -1.11 -8.64
CA ASP B 119 -6.28 -1.97 -9.65
C ASP B 119 -7.29 -2.84 -10.41
N ASN B 120 -7.42 -2.65 -11.72
CA ASN B 120 -8.42 -3.41 -12.49
C ASN B 120 -8.01 -4.86 -12.76
N THR B 121 -6.72 -5.07 -13.00
CA THR B 121 -6.22 -6.43 -13.22
C THR B 121 -6.45 -7.27 -11.95
N ALA B 122 -6.27 -6.68 -10.79
CA ALA B 122 -6.47 -7.43 -9.54
C ALA B 122 -7.94 -7.83 -9.42
N ALA B 123 -8.84 -6.95 -9.85
CA ALA B 123 -10.27 -7.24 -9.78
C ALA B 123 -10.61 -8.44 -10.66
N ASN B 124 -10.13 -8.43 -11.90
CA ASN B 124 -10.42 -9.53 -12.82
C ASN B 124 -9.85 -10.84 -12.31
N LEU B 125 -8.65 -10.82 -11.75
CA LEU B 125 -8.08 -12.05 -11.17
C LEU B 125 -8.96 -12.56 -10.01
N LEU B 126 -9.47 -11.66 -9.16
CA LEU B 126 -10.35 -12.09 -8.06
C LEU B 126 -11.68 -12.66 -8.57
N PHE B 127 -12.23 -12.07 -9.65
CA PHE B 127 -13.41 -12.62 -10.34
C PHE B 127 -13.15 -14.10 -10.67
N GLY B 128 -11.96 -14.39 -11.19
CA GLY B 128 -11.57 -15.75 -11.54
C GLY B 128 -11.62 -16.70 -10.35
N VAL B 129 -11.17 -16.20 -9.20
CA VAL B 129 -11.19 -16.96 -7.95
C VAL B 129 -12.60 -17.31 -7.46
N VAL B 130 -13.52 -16.34 -7.47
CA VAL B 130 -14.83 -16.55 -6.84
C VAL B 130 -15.86 -17.16 -7.80
N GLY B 131 -15.56 -17.15 -9.09
CA GLY B 131 -16.49 -17.63 -10.09
C GLY B 131 -17.24 -16.52 -10.81
N GLY B 132 -16.64 -15.32 -10.86
CA GLY B 132 -17.11 -14.27 -11.75
C GLY B 132 -18.26 -13.43 -11.23
N PRO B 133 -18.76 -12.50 -12.06
CA PRO B 133 -19.87 -11.61 -11.69
C PRO B 133 -21.12 -12.31 -11.08
N PRO B 134 -21.52 -13.50 -11.58
CA PRO B 134 -22.70 -14.11 -10.92
C PRO B 134 -22.45 -14.47 -9.46
N ALA B 135 -21.22 -14.80 -9.10
CA ALA B 135 -20.94 -15.16 -7.71
C ALA B 135 -21.01 -13.91 -6.82
N VAL B 136 -20.64 -12.76 -7.37
CA VAL B 136 -20.75 -11.50 -6.64
C VAL B 136 -22.23 -11.11 -6.48
N THR B 137 -23.02 -11.32 -7.53
CA THR B 137 -24.46 -11.07 -7.45
C THR B 137 -25.14 -11.99 -6.43
N ALA B 138 -24.76 -13.28 -6.42
CA ALA B 138 -25.32 -14.20 -5.43
C ALA B 138 -25.01 -13.81 -3.98
N PHE B 139 -23.81 -13.30 -3.74
CA PHE B 139 -23.44 -12.80 -2.40
C PHE B 139 -24.33 -11.60 -1.99
N LEU B 140 -24.55 -10.68 -2.91
CA LEU B 140 -25.40 -9.53 -2.61
C LEU B 140 -26.83 -9.97 -2.25
N ARG B 141 -27.40 -10.89 -3.01
CA ARG B 141 -28.75 -11.41 -2.75
C ARG B 141 -28.81 -12.11 -1.39
N ALA B 142 -27.83 -12.98 -1.12
CA ALA B 142 -27.78 -13.66 0.16
C ALA B 142 -27.75 -12.65 1.32
N SER B 143 -27.05 -11.53 1.12
CA SER B 143 -26.94 -10.50 2.17
C SER B 143 -28.22 -9.67 2.33
N GLY B 144 -29.18 -9.83 1.42
CA GLY B 144 -30.46 -9.13 1.50
C GLY B 144 -30.61 -7.96 0.52
N ASP B 145 -29.75 -7.91 -0.48
CA ASP B 145 -29.77 -6.80 -1.43
C ASP B 145 -30.37 -7.32 -2.74
N THR B 146 -31.55 -6.82 -3.10
CA THR B 146 -32.22 -7.23 -4.33
C THR B 146 -32.03 -6.23 -5.48
N VAL B 147 -31.23 -5.19 -5.24
CA VAL B 147 -31.10 -4.11 -6.22
C VAL B 147 -29.74 -4.09 -6.93
N SER B 148 -28.63 -4.08 -6.18
CA SER B 148 -27.29 -4.06 -6.77
C SER B 148 -27.01 -5.34 -7.58
N ARG B 149 -26.24 -5.23 -8.65
CA ARG B 149 -25.98 -6.39 -9.50
C ARG B 149 -24.64 -6.28 -10.25
N SER B 150 -23.86 -7.35 -10.21
CA SER B 150 -22.58 -7.44 -10.92
C SER B 150 -22.72 -8.31 -12.17
N ASP B 151 -22.34 -7.77 -13.33
CA ASP B 151 -22.68 -8.42 -14.60
C ASP B 151 -21.47 -8.62 -15.53
N ARG B 152 -20.53 -7.68 -15.53
CA ARG B 152 -19.42 -7.70 -16.50
C ARG B 152 -18.03 -7.67 -15.86
N LEU B 153 -16.99 -7.97 -16.67
CA LEU B 153 -15.60 -7.91 -16.22
C LEU B 153 -14.99 -6.50 -16.45
N GLU B 154 -13.81 -6.25 -15.92
CA GLU B 154 -13.09 -5.00 -16.21
C GLU B 154 -12.52 -5.05 -17.62
N PRO B 155 -12.52 -3.91 -18.35
CA PRO B 155 -12.96 -2.59 -17.91
C PRO B 155 -14.37 -2.20 -18.37
N GLU B 156 -15.04 -3.04 -19.11
CA GLU B 156 -16.38 -2.74 -19.60
C GLU B 156 -17.48 -2.48 -18.59
N LEU B 157 -17.35 -3.02 -17.41
CA LEU B 157 -18.42 -2.90 -16.42
C LEU B 157 -18.64 -1.44 -16.00
N ASN B 158 -17.66 -0.58 -16.29
CA ASN B 158 -17.75 0.85 -16.00
C ASN B 158 -18.61 1.65 -16.99
N SER B 159 -19.04 1.05 -18.09
CA SER B 159 -19.85 1.81 -19.05
C SER B 159 -21.33 1.83 -18.65
N PHE B 160 -22.02 2.93 -18.96
CA PHE B 160 -23.41 3.11 -18.54
C PHE B 160 -24.32 3.58 -19.67
N ALA B 161 -25.45 2.92 -19.84
CA ALA B 161 -26.49 3.43 -20.75
C ALA B 161 -27.85 3.46 -20.04
N LYS B 162 -28.58 4.55 -20.22
CA LYS B 162 -29.93 4.68 -19.66
C LYS B 162 -30.82 3.54 -20.17
N GLY B 163 -31.52 2.88 -19.25
CA GLY B 163 -32.32 1.70 -19.60
C GLY B 163 -31.59 0.36 -19.48
N ASP B 164 -30.27 0.41 -19.36
CA ASP B 164 -29.43 -0.78 -19.20
C ASP B 164 -28.97 -0.87 -17.75
N PRO B 165 -29.54 -1.82 -16.99
CA PRO B 165 -29.30 -1.94 -15.55
C PRO B 165 -28.04 -2.73 -15.15
N ARG B 166 -27.20 -3.09 -16.10
CA ARG B 166 -26.04 -3.90 -15.78
C ARG B 166 -25.04 -3.11 -14.95
N ASP B 167 -24.50 -3.75 -13.91
CA ASP B 167 -23.51 -3.14 -13.03
C ASP B 167 -23.97 -1.80 -12.42
N THR B 168 -25.24 -1.72 -11.99
CA THR B 168 -25.78 -0.54 -11.31
C THR B 168 -26.19 -0.84 -9.86
N THR B 169 -26.45 0.23 -9.10
CA THR B 169 -27.03 0.17 -7.75
C THR B 169 -27.88 1.43 -7.55
N THR B 170 -28.53 1.57 -6.39
CA THR B 170 -29.10 2.87 -6.01
C THR B 170 -28.36 3.39 -4.79
N PRO B 171 -28.43 4.72 -4.52
CA PRO B 171 -27.76 5.21 -3.31
C PRO B 171 -28.28 4.58 -2.02
N ALA B 172 -29.58 4.34 -1.90
CA ALA B 172 -30.11 3.76 -0.67
C ALA B 172 -29.81 2.27 -0.55
N ALA B 173 -29.74 1.56 -1.68
CA ALA B 173 -29.50 0.12 -1.60
C ALA B 173 -28.06 -0.12 -1.14
N MET B 174 -27.13 0.67 -1.67
CA MET B 174 -25.70 0.48 -1.39
C MET B 174 -25.38 0.92 0.04
N ALA B 175 -26.09 1.95 0.51
CA ALA B 175 -25.97 2.38 1.90
C ALA B 175 -26.39 1.27 2.87
N ALA B 176 -27.54 0.63 2.62
CA ALA B 176 -27.96 -0.47 3.50
C ALA B 176 -26.98 -1.66 3.45
N THR B 177 -26.44 -1.97 2.27
CA THR B 177 -25.50 -3.10 2.12
C THR B 177 -24.15 -2.81 2.78
N LEU B 178 -23.64 -1.59 2.62
CA LEU B 178 -22.42 -1.17 3.31
C LEU B 178 -22.57 -1.37 4.83
N GLN B 179 -23.70 -0.95 5.38
CA GLN B 179 -23.93 -1.12 6.83
C GLN B 179 -23.93 -2.59 7.25
N ARG B 180 -24.65 -3.40 6.51
CA ARG B 180 -24.76 -4.80 6.82
C ARG B 180 -23.43 -5.56 6.71
N VAL B 181 -22.64 -5.28 5.68
CA VAL B 181 -21.39 -5.98 5.40
C VAL B 181 -20.20 -5.44 6.22
N VAL B 182 -20.03 -4.12 6.25
CA VAL B 182 -18.90 -3.52 6.99
C VAL B 182 -19.16 -3.40 8.50
N LEU B 183 -20.43 -3.22 8.89
CA LEU B 183 -20.76 -2.98 10.31
C LEU B 183 -21.61 -4.09 10.96
N GLY B 184 -22.34 -4.86 10.14
CA GLY B 184 -23.24 -5.87 10.65
C GLY B 184 -22.62 -7.26 10.73
N GLU B 185 -23.43 -8.29 10.52
CA GLU B 185 -22.99 -9.67 10.75
C GLU B 185 -22.94 -10.58 9.51
N VAL B 186 -22.93 -9.99 8.32
CA VAL B 186 -22.85 -10.78 7.09
C VAL B 186 -21.54 -11.57 7.05
N LEU B 187 -20.47 -10.94 7.55
CA LEU B 187 -19.15 -11.56 7.68
C LEU B 187 -18.82 -11.82 9.15
N GLN B 188 -17.86 -12.71 9.40
CA GLN B 188 -17.35 -12.97 10.74
C GLN B 188 -16.51 -11.79 11.22
N PRO B 189 -16.36 -11.62 12.53
CA PRO B 189 -15.64 -10.45 13.05
C PRO B 189 -14.24 -10.22 12.43
N ALA B 190 -13.41 -11.25 12.33
CA ALA B 190 -12.08 -11.05 11.76
C ALA B 190 -12.12 -10.61 10.28
N SER B 191 -13.04 -11.20 9.51
CA SER B 191 -13.24 -10.81 8.11
C SER B 191 -13.68 -9.35 7.97
N ARG B 192 -14.74 -9.02 8.69
CA ARG B 192 -15.33 -7.69 8.75
C ARG B 192 -14.28 -6.60 9.09
N GLN B 193 -13.49 -6.86 10.12
CA GLN B 193 -12.42 -5.94 10.53
C GLN B 193 -11.32 -5.78 9.48
N GLN B 194 -10.95 -6.87 8.81
CA GLN B 194 -9.95 -6.78 7.73
C GLN B 194 -10.46 -5.89 6.57
N LEU B 195 -11.75 -6.00 6.23
CA LEU B 195 -12.32 -5.21 5.15
C LEU B 195 -12.35 -3.72 5.53
N ALA B 196 -12.77 -3.43 6.75
CA ALA B 196 -12.82 -2.06 7.27
C ALA B 196 -11.44 -1.40 7.23
N ASP B 197 -10.41 -2.14 7.64
CA ASP B 197 -9.03 -1.64 7.59
C ASP B 197 -8.61 -1.30 6.15
N TRP B 198 -8.99 -2.15 5.19
CA TRP B 198 -8.70 -1.86 3.78
C TRP B 198 -9.37 -0.52 3.36
N LEU B 199 -10.63 -0.33 3.74
CA LEU B 199 -11.32 0.91 3.36
C LEU B 199 -10.71 2.13 4.06
N ILE B 200 -10.35 1.99 5.34
CA ILE B 200 -9.66 3.07 6.07
C ILE B 200 -8.34 3.45 5.37
N ASP B 201 -7.68 2.46 4.77
CA ASP B 201 -6.40 2.69 4.09
C ASP B 201 -6.50 3.14 2.62
N ASN B 202 -7.71 3.40 2.11
CA ASN B 202 -7.88 3.82 0.71
C ASN B 202 -7.01 5.04 0.32
N GLU B 203 -6.39 5.01 -0.86
CA GLU B 203 -5.50 6.10 -1.29
C GLU B 203 -6.05 6.96 -2.44
N THR B 204 -7.26 6.69 -2.91
CA THR B 204 -7.76 7.35 -4.13
C THR B 204 -8.84 8.41 -3.88
N GLY B 205 -9.24 8.60 -2.62
CA GLY B 205 -10.35 9.49 -2.31
C GLY B 205 -10.03 10.77 -1.56
N ASP B 206 -8.79 11.22 -1.64
CA ASP B 206 -8.35 12.37 -0.82
C ASP B 206 -9.07 13.68 -1.16
N ALA B 207 -9.47 13.86 -2.42
CA ALA B 207 -10.13 15.08 -2.85
C ALA B 207 -11.62 14.92 -2.97
N CYS B 208 -12.12 13.74 -2.60
CA CYS B 208 -13.56 13.44 -2.69
C CYS B 208 -14.23 13.63 -1.32
N LEU B 209 -15.04 12.68 -0.86
CA LEU B 209 -15.79 12.88 0.38
C LEU B 209 -14.87 13.28 1.56
N ARG B 210 -13.70 12.66 1.66
CA ARG B 210 -12.74 12.96 2.74
C ARG B 210 -12.41 14.45 2.87
N ALA B 211 -12.35 15.13 1.73
CA ALA B 211 -11.92 16.51 1.69
C ALA B 211 -12.94 17.46 2.32
N GLY B 212 -14.18 17.02 2.48
CA GLY B 212 -15.22 17.84 3.10
C GLY B 212 -15.61 17.45 4.52
N LEU B 213 -14.99 16.42 5.06
CA LEU B 213 -15.36 15.88 6.38
C LEU B 213 -14.31 16.22 7.43
N GLY B 214 -14.75 16.74 8.58
CA GLY B 214 -13.86 17.20 9.63
C GLY B 214 -13.18 16.12 10.47
N LYS B 215 -12.34 16.56 11.40
CA LYS B 215 -11.47 15.67 12.17
C LYS B 215 -12.18 14.76 13.18
N ARG B 216 -13.46 14.98 13.42
CA ARG B 216 -14.17 14.12 14.37
C ARG B 216 -14.51 12.75 13.77
N TRP B 217 -14.24 12.57 12.48
CA TRP B 217 -14.49 11.29 11.83
C TRP B 217 -13.23 10.52 11.42
N ARG B 218 -13.23 9.22 11.70
CA ARG B 218 -12.33 8.29 11.05
C ARG B 218 -13.07 7.73 9.83
N VAL B 219 -12.50 7.89 8.65
CA VAL B 219 -13.19 7.53 7.41
C VAL B 219 -12.62 6.31 6.69
N GLY B 220 -13.51 5.43 6.23
CA GLY B 220 -13.16 4.41 5.25
C GLY B 220 -14.02 4.64 4.01
N ASP B 221 -13.47 4.50 2.80
CA ASP B 221 -14.24 4.78 1.61
C ASP B 221 -13.73 4.02 0.39
N LYS B 222 -14.53 3.98 -0.67
CA LYS B 222 -14.12 3.41 -1.96
C LYS B 222 -14.67 4.30 -3.08
N THR B 223 -13.80 4.74 -3.98
CA THR B 223 -14.19 5.64 -5.08
C THR B 223 -14.52 4.86 -6.35
N GLY B 224 -15.06 5.56 -7.34
CA GLY B 224 -15.26 5.02 -8.66
C GLY B 224 -15.29 6.13 -9.71
N SER B 225 -14.94 5.82 -10.93
CA SER B 225 -15.04 6.72 -12.06
C SER B 225 -14.99 6.05 -13.45
N ASN B 226 -15.50 6.74 -14.47
CA ASN B 226 -15.37 6.20 -15.82
C ASN B 226 -14.90 7.25 -16.85
N GLY B 227 -14.83 6.85 -18.11
CA GLY B 227 -14.38 7.72 -19.18
C GLY B 227 -15.41 8.69 -19.75
N GLU B 228 -16.64 8.51 -19.34
CA GLU B 228 -17.70 9.37 -19.78
C GLU B 228 -17.96 10.58 -18.87
N ASP B 229 -18.69 10.40 -17.77
CA ASP B 229 -19.10 11.52 -16.92
C ASP B 229 -19.29 11.17 -15.43
N ALA B 230 -18.93 9.95 -15.06
CA ALA B 230 -19.26 9.44 -13.73
C ALA B 230 -18.10 9.54 -12.74
N ARG B 231 -18.42 9.94 -11.52
CA ARG B 231 -17.46 9.93 -10.44
C ARG B 231 -18.22 9.67 -9.13
N ASN B 232 -17.83 8.63 -8.41
CA ASN B 232 -18.61 8.16 -7.25
C ASN B 232 -17.73 8.01 -6.02
N ASP B 233 -18.37 7.93 -4.84
CA ASP B 233 -17.63 7.66 -3.60
C ASP B 233 -18.60 7.19 -2.49
N ILE B 234 -18.27 6.09 -1.82
CA ILE B 234 -19.11 5.54 -0.75
C ILE B 234 -18.27 5.39 0.52
N ALA B 235 -18.84 5.74 1.68
CA ALA B 235 -18.01 5.82 2.89
C ALA B 235 -18.70 5.38 4.18
N VAL B 236 -17.88 4.93 5.13
CA VAL B 236 -18.31 4.70 6.51
C VAL B 236 -17.61 5.70 7.42
N LEU B 237 -18.39 6.34 8.28
CA LEU B 237 -17.89 7.38 9.16
C LEU B 237 -17.95 6.91 10.62
N TRP B 238 -16.78 6.65 11.22
CA TRP B 238 -16.69 6.31 12.64
C TRP B 238 -16.31 7.56 13.46
N PRO B 239 -17.10 7.88 14.50
CA PRO B 239 -16.74 9.01 15.38
C PRO B 239 -15.55 8.65 16.25
N VAL B 240 -14.48 9.46 16.24
CA VAL B 240 -13.30 9.15 17.05
C VAL B 240 -13.56 9.19 18.56
N ALA B 241 -14.58 9.95 18.98
CA ALA B 241 -14.94 10.04 20.40
C ALA B 241 -15.79 8.88 20.85
N GLY B 242 -16.26 8.07 19.89
CA GLY B 242 -17.15 6.96 20.18
C GLY B 242 -18.57 7.30 19.79
N GLY B 243 -19.43 6.29 19.73
CA GLY B 243 -20.81 6.49 19.32
C GLY B 243 -21.10 5.73 18.04
N ALA B 244 -22.32 5.86 17.53
CA ALA B 244 -22.75 5.12 16.35
C ALA B 244 -22.19 5.69 15.04
N PRO B 245 -21.78 4.81 14.11
CA PRO B 245 -21.28 5.24 12.80
C PRO B 245 -22.37 5.76 11.87
N TRP B 246 -21.98 6.55 10.88
CA TRP B 246 -22.88 6.96 9.82
C TRP B 246 -22.37 6.34 8.51
N VAL B 247 -23.25 6.25 7.52
CA VAL B 247 -22.89 5.74 6.21
C VAL B 247 -23.30 6.77 5.17
N LEU B 248 -22.41 7.06 4.21
CA LEU B 248 -22.68 8.08 3.19
C LEU B 248 -22.34 7.61 1.77
N THR B 249 -23.33 7.56 0.88
CA THR B 249 -23.08 7.16 -0.50
C THR B 249 -23.37 8.32 -1.46
N ALA B 250 -22.50 8.51 -2.44
CA ALA B 250 -22.63 9.61 -3.40
C ALA B 250 -22.25 9.17 -4.82
N TYR B 251 -23.23 9.26 -5.73
CA TYR B 251 -23.05 8.87 -7.13
C TYR B 251 -23.37 10.06 -8.05
N LEU B 252 -22.41 10.45 -8.87
CA LEU B 252 -22.57 11.61 -9.74
C LEU B 252 -22.36 11.33 -11.23
N GLN B 253 -23.20 11.95 -12.05
CA GLN B 253 -22.93 12.08 -13.48
C GLN B 253 -22.91 13.56 -13.88
N ALA B 254 -21.83 14.02 -14.49
CA ALA B 254 -21.69 15.45 -14.79
C ALA B 254 -20.65 15.71 -15.87
N GLY B 255 -21.05 15.53 -17.12
CA GLY B 255 -20.14 15.61 -18.24
C GLY B 255 -19.72 17.01 -18.65
N ALA B 256 -20.41 18.03 -18.15
CA ALA B 256 -20.11 19.41 -18.53
C ALA B 256 -19.04 20.08 -17.65
N ILE B 257 -18.61 19.42 -16.58
CA ILE B 257 -17.50 19.91 -15.75
C ILE B 257 -16.29 18.97 -15.88
N SER B 258 -15.10 19.41 -15.45
CA SER B 258 -13.88 18.60 -15.59
C SER B 258 -13.82 17.45 -14.56
N TYR B 259 -12.95 16.47 -14.82
CA TYR B 259 -12.68 15.38 -13.87
C TYR B 259 -12.39 15.91 -12.46
N GLU B 260 -11.51 16.90 -12.36
CA GLU B 260 -11.16 17.43 -11.03
C GLU B 260 -12.31 18.22 -10.36
N GLN B 261 -13.17 18.87 -11.15
CA GLN B 261 -14.35 19.52 -10.59
C GLN B 261 -15.38 18.51 -10.06
N ARG B 262 -15.42 17.31 -10.63
CA ARG B 262 -16.30 16.25 -10.14
C ARG B 262 -15.87 15.79 -8.74
N ALA B 263 -14.58 15.73 -8.50
CA ALA B 263 -14.08 15.49 -7.15
C ALA B 263 -14.60 16.60 -6.22
N SER B 264 -14.56 17.86 -6.66
CA SER B 264 -15.02 19.04 -5.92
C SER B 264 -16.48 18.93 -5.49
N VAL B 265 -17.31 18.46 -6.38
CA VAL B 265 -18.72 18.20 -6.08
C VAL B 265 -18.87 17.14 -4.97
N LEU B 266 -18.09 16.06 -5.04
CA LEU B 266 -18.11 15.04 -3.99
C LEU B 266 -17.62 15.58 -2.63
N ALA B 267 -16.59 16.43 -2.66
CA ALA B 267 -16.12 17.09 -1.44
C ALA B 267 -17.23 17.95 -0.82
N GLN B 268 -18.01 18.63 -1.66
CA GLN B 268 -19.11 19.45 -1.16
C GLN B 268 -20.25 18.59 -0.59
N VAL B 269 -20.47 17.39 -1.15
CA VAL B 269 -21.43 16.46 -0.54
C VAL B 269 -21.00 16.16 0.91
N GLY B 270 -19.71 15.88 1.09
CA GLY B 270 -19.16 15.68 2.41
C GLY B 270 -19.34 16.89 3.33
N ARG B 271 -19.06 18.07 2.84
CA ARG B 271 -19.22 19.29 3.60
C ARG B 271 -20.66 19.46 4.10
N ILE B 272 -21.62 19.31 3.21
CA ILE B 272 -23.02 19.46 3.58
C ILE B 272 -23.43 18.41 4.64
N ALA B 273 -23.07 17.15 4.40
CA ALA B 273 -23.35 16.08 5.37
C ALA B 273 -22.85 16.41 6.78
N ASP B 274 -21.58 16.82 6.87
CA ASP B 274 -20.93 17.10 8.14
C ASP B 274 -21.68 18.16 8.95
N ARG B 275 -22.19 19.19 8.29
CA ARG B 275 -22.94 20.24 8.94
C ARG B 275 -24.25 19.72 9.54
N LEU B 276 -24.85 18.78 8.85
CA LEU B 276 -26.20 18.27 9.17
C LEU B 276 -26.23 17.14 10.21
N ILE B 277 -25.08 16.65 10.64
CA ILE B 277 -25.04 15.70 11.72
C ILE B 277 -24.65 16.57 12.95
N GLY B 278 -25.59 17.01 13.75
CA GLY B 278 -25.26 17.84 14.92
C GLY B 278 -26.04 19.10 15.31
C1 PGE C . -8.72 9.81 -15.19
O1 PGE C . -9.87 10.14 -15.95
C2 PGE C . -8.70 8.32 -14.87
O2 PGE C . -7.68 7.70 -15.63
C3 PGE C . -7.40 6.34 -15.28
C4 PGE C . -6.76 5.65 -16.46
O4 PGE C . -8.41 4.83 -20.71
C6 PGE C . -8.33 5.44 -19.42
C5 PGE C . -7.41 4.65 -18.52
O3 PGE C . -7.74 4.93 -17.16
N01 OK3 D . -9.80 7.84 -18.11
C02 OK3 D . -11.19 7.42 -18.22
C03 OK3 D . -11.38 6.14 -17.40
C04 OK3 D . -11.26 6.26 -16.03
C05 OK3 D . -11.41 5.13 -15.24
C06 OK3 D . -11.70 3.90 -15.81
C07 OK3 D . -11.80 3.77 -17.18
C08 OK3 D . -11.65 4.91 -17.97
C09 OK3 D . -11.78 2.72 -14.84
O10 OK3 D . -11.44 1.64 -15.22
N11 OK3 D . -12.18 2.95 -13.44
C12 OK3 D . -12.13 1.84 -12.50
C13 OK3 D . -10.65 1.82 -12.34
C14 OK3 D . -10.24 3.23 -11.79
C15 OK3 D . -10.99 3.73 -10.73
O16 OK3 D . -12.08 2.92 -10.22
B17 OK3 D . -12.84 2.22 -11.14
O18 OK3 D . -13.98 2.90 -11.42
C20 OK3 D . -10.68 5.00 -10.18
C21 OK3 D . -9.63 5.74 -10.69
C22 OK3 D . -8.88 5.24 -11.76
C23 OK3 D . -9.19 3.99 -12.33
C24 OK3 D . -11.47 5.53 -8.98
O25 OK3 D . -11.90 6.71 -8.92
O26 OK3 D . -11.66 4.76 -8.01
#